data_3ZDU
#
_entry.id   3ZDU
#
_cell.length_a   63.930
_cell.length_b   63.930
_cell.length_c   163.630
_cell.angle_alpha   90.00
_cell.angle_beta   90.00
_cell.angle_gamma   120.00
#
_symmetry.space_group_name_H-M   'P 31 2 1'
#
loop_
_entity.id
_entity.type
_entity.pdbx_description
1 polymer 'CYCLIN-DEPENDENT KINASE-LIKE 3'
2 non-polymer [4-({4-[(3-cyclopentyl-1H-pyrazol-5-yl)amino]pyrimidin-2-yl}amino)phenyl]acetonitrile
3 non-polymer 'ZINC ION'
4 non-polymer 'SODIUM ION'
5 non-polymer 1,2-ETHANEDIOL
6 water water
#
_entity_poly.entity_id   1
_entity_poly.type   'polypeptide(L)'
_entity_poly.pdbx_seq_one_letter_code
;SMEMYETLGKVGEGSYGTVMKCKHKNTGQIVAIKIFYERPEQSVNKIAMREIKFLKQFHHENLVNLIEVFRQKKKIHLVF
EFIDHTVLDELQHYCHGLESKRLRKYLFQILRAIDYLHSNNIIHRDIKPENILVSQSGITKLCDFGFARTLAAPGDIYDD
EVATRWYRAPELVLKDTSYGKPVDIWALGCMIIEMATGNPYLPSSSDLDLLHKIVLKVGNLSPHLQNIFSKSPIFAGVVL
PQVQHPKNARKKYPKLNGLLADIVHACLQIDPADRISSSDLLHHEYFTRDGFIEKFMPELKAKLLQEAKVNSLIKPKESS
KENEL
;
_entity_poly.pdbx_strand_id   A
#
# COMPACT_ATOMS: atom_id res chain seq x y z
N MET A 2 -15.23 -3.50 -31.79
CA MET A 2 -15.14 -4.99 -31.70
C MET A 2 -14.13 -5.36 -30.64
N GLU A 3 -14.63 -5.65 -29.42
CA GLU A 3 -13.79 -6.08 -28.29
C GLU A 3 -12.65 -6.97 -28.78
N MET A 4 -11.41 -6.55 -28.52
CA MET A 4 -10.22 -7.32 -28.86
C MET A 4 -9.87 -8.30 -27.75
N TYR A 5 -10.69 -8.29 -26.69
CA TYR A 5 -10.47 -9.12 -25.52
C TYR A 5 -11.61 -10.07 -25.15
N GLU A 6 -11.20 -11.29 -24.81
CA GLU A 6 -12.07 -12.25 -24.20
C GLU A 6 -12.00 -11.95 -22.70
N THR A 7 -13.06 -11.39 -22.11
CA THR A 7 -13.06 -11.18 -20.65
C THR A 7 -13.17 -12.58 -20.04
N LEU A 8 -12.30 -12.90 -19.06
CA LEU A 8 -12.20 -14.23 -18.46
C LEU A 8 -12.90 -14.32 -17.11
N GLY A 9 -12.92 -13.20 -16.39
CA GLY A 9 -13.46 -13.17 -15.05
C GLY A 9 -13.18 -11.85 -14.41
N LYS A 10 -13.93 -11.54 -13.38
CA LYS A 10 -13.81 -10.27 -12.68
C LYS A 10 -12.95 -10.48 -11.43
N VAL A 11 -11.80 -9.79 -11.35
CA VAL A 11 -10.95 -9.91 -10.16
C VAL A 11 -10.99 -8.68 -9.24
N GLY A 12 -11.81 -7.68 -9.57
CA GLY A 12 -11.90 -6.49 -8.71
C GLY A 12 -13.00 -5.53 -9.05
N GLU A 13 -13.35 -4.68 -8.09
CA GLU A 13 -14.39 -3.66 -8.25
C GLU A 13 -14.35 -2.59 -7.13
N GLY A 14 -14.67 -1.35 -7.48
CA GLY A 14 -14.67 -0.30 -6.47
C GLY A 14 -15.63 0.81 -6.80
N SER A 15 -15.59 1.85 -5.97
CA SER A 15 -16.35 3.09 -6.22
C SER A 15 -15.97 3.68 -7.59
N TYR A 16 -14.81 3.25 -8.11
CA TYR A 16 -14.24 3.71 -9.39
C TYR A 16 -14.72 2.97 -10.65
N GLY A 17 -14.99 1.68 -10.48
CA GLY A 17 -15.18 0.79 -11.61
C GLY A 17 -14.64 -0.59 -11.31
N THR A 18 -14.03 -1.21 -12.31
CA THR A 18 -13.85 -2.65 -12.31
C THR A 18 -12.55 -3.10 -12.90
N VAL A 19 -12.02 -4.22 -12.39
CA VAL A 19 -10.88 -4.89 -12.98
C VAL A 19 -11.34 -6.23 -13.50
N MET A 20 -11.04 -6.51 -14.78
CA MET A 20 -11.39 -7.77 -15.42
C MET A 20 -10.14 -8.50 -15.89
N LYS A 21 -10.06 -9.82 -15.67
CA LYS A 21 -9.01 -10.64 -16.23
C LYS A 21 -9.45 -11.01 -17.62
N CYS A 22 -8.59 -10.78 -18.61
CA CYS A 22 -8.96 -10.92 -20.01
C CYS A 22 -7.84 -11.55 -20.77
N LYS A 23 -8.14 -11.88 -22.03
CA LYS A 23 -7.22 -12.58 -22.94
C LYS A 23 -7.35 -11.98 -24.37
N HIS A 24 -6.34 -11.20 -24.78
CA HIS A 24 -6.35 -10.54 -26.08
C HIS A 24 -6.60 -11.58 -27.17
N LYS A 25 -7.54 -11.29 -28.05
CA LYS A 25 -8.09 -12.31 -28.97
C LYS A 25 -7.07 -12.81 -29.97
N ASN A 26 -6.11 -11.95 -30.33
CA ASN A 26 -5.03 -12.30 -31.25
C ASN A 26 -3.73 -12.74 -30.57
N THR A 27 -3.15 -11.87 -29.74
CA THR A 27 -2.04 -12.22 -28.81
C THR A 27 -2.25 -13.51 -28.00
N GLY A 28 -3.49 -13.74 -27.54
CA GLY A 28 -3.73 -14.71 -26.47
C GLY A 28 -3.16 -14.25 -25.12
N GLN A 29 -2.83 -12.98 -25.00
CA GLN A 29 -2.16 -12.50 -23.80
C GLN A 29 -3.16 -12.22 -22.68
N ILE A 30 -2.79 -12.72 -21.49
CA ILE A 30 -3.58 -12.56 -20.27
C ILE A 30 -3.32 -11.18 -19.70
N VAL A 31 -4.39 -10.44 -19.51
CA VAL A 31 -4.30 -9.07 -19.03
C VAL A 31 -5.27 -8.82 -17.86
N ALA A 32 -5.06 -7.69 -17.21
CA ALA A 32 -5.99 -7.16 -16.24
C ALA A 32 -6.44 -5.78 -16.71
N ILE A 33 -7.73 -5.64 -17.01
CA ILE A 33 -8.23 -4.41 -17.57
C ILE A 33 -9.04 -3.63 -16.57
N LYS A 34 -8.58 -2.44 -16.28
CA LYS A 34 -9.28 -1.53 -15.38
C LYS A 34 -10.26 -0.75 -16.23
N ILE A 35 -11.51 -0.65 -15.78
CA ILE A 35 -12.59 -0.03 -16.56
C ILE A 35 -13.41 0.96 -15.71
N PHE A 36 -13.32 2.25 -16.02
CA PHE A 36 -13.95 3.28 -15.21
C PHE A 36 -15.35 3.60 -15.71
N TYR A 37 -15.92 4.71 -15.22
CA TYR A 37 -17.20 5.22 -15.70
C TYR A 37 -17.03 6.67 -16.19
N ASN A 45 -12.99 12.60 -16.66
CA ASN A 45 -12.67 11.73 -15.51
C ASN A 45 -11.22 11.92 -15.06
N LYS A 46 -11.02 12.72 -14.01
CA LYS A 46 -9.68 13.03 -13.50
C LYS A 46 -8.88 11.79 -13.14
N ILE A 47 -9.46 10.89 -12.36
CA ILE A 47 -8.73 9.76 -11.82
C ILE A 47 -8.12 8.83 -12.87
N ALA A 48 -8.89 8.44 -13.88
CA ALA A 48 -8.32 7.69 -15.00
C ALA A 48 -7.10 8.38 -15.58
N MET A 49 -7.25 9.67 -15.89
CA MET A 49 -6.24 10.39 -16.64
C MET A 49 -4.96 10.62 -15.86
N ARG A 50 -5.06 10.82 -14.55
CA ARG A 50 -3.87 11.00 -13.71
C ARG A 50 -3.17 9.67 -13.45
N GLU A 51 -3.90 8.56 -13.44
CA GLU A 51 -3.26 7.26 -13.41
C GLU A 51 -2.44 7.01 -14.68
N ILE A 52 -3.06 7.27 -15.83
CA ILE A 52 -2.37 7.19 -17.13
C ILE A 52 -1.14 8.12 -17.19
N LYS A 53 -1.32 9.39 -16.82
CA LYS A 53 -0.20 10.33 -16.76
C LYS A 53 0.98 9.75 -15.98
N PHE A 54 0.71 9.13 -14.83
CA PHE A 54 1.76 8.56 -13.98
C PHE A 54 2.48 7.39 -14.63
N LEU A 55 1.71 6.44 -15.18
CA LEU A 55 2.30 5.26 -15.78
C LEU A 55 3.13 5.53 -17.05
N LYS A 56 2.96 6.70 -17.65
CA LYS A 56 3.75 7.06 -18.82
C LYS A 56 5.14 7.52 -18.41
N GLN A 57 5.25 8.26 -17.32
CA GLN A 57 6.54 8.75 -16.87
C GLN A 57 7.32 7.79 -15.98
N PHE A 58 6.65 6.93 -15.22
CA PHE A 58 7.33 6.18 -14.16
C PHE A 58 7.37 4.68 -14.38
N HIS A 59 8.54 4.08 -14.16
CA HIS A 59 8.81 2.68 -14.47
C HIS A 59 9.83 2.08 -13.48
N HIS A 60 9.56 0.85 -13.03
CA HIS A 60 10.41 0.15 -12.07
C HIS A 60 9.98 -1.32 -12.11
N GLU A 61 10.85 -2.21 -11.64
CA GLU A 61 10.60 -3.64 -11.70
C GLU A 61 9.75 -4.16 -10.55
N ASN A 62 9.36 -3.27 -9.62
CA ASN A 62 8.42 -3.58 -8.56
C ASN A 62 7.22 -2.64 -8.68
N LEU A 63 6.92 -2.21 -9.89
CA LEU A 63 5.68 -1.50 -10.23
C LEU A 63 4.99 -2.25 -11.37
N VAL A 64 3.66 -2.20 -11.44
CA VAL A 64 2.90 -2.94 -12.43
C VAL A 64 3.04 -2.31 -13.84
N ASN A 65 3.15 -3.13 -14.87
CA ASN A 65 3.26 -2.63 -16.27
C ASN A 65 1.93 -2.28 -16.92
N LEU A 66 1.83 -1.07 -17.43
CA LEU A 66 0.71 -0.70 -18.30
C LEU A 66 1.09 -1.05 -19.74
N ILE A 67 0.11 -1.55 -20.50
CA ILE A 67 0.31 -2.01 -21.88
C ILE A 67 -0.34 -1.06 -22.92
N GLU A 68 -1.62 -0.75 -22.74
CA GLU A 68 -2.33 0.17 -23.64
C GLU A 68 -3.58 0.80 -23.00
N VAL A 69 -4.16 1.76 -23.71
CA VAL A 69 -5.36 2.50 -23.27
C VAL A 69 -6.34 2.62 -24.42
N PHE A 70 -7.60 2.21 -24.23
CA PHE A 70 -8.66 2.52 -25.21
C PHE A 70 -9.96 2.93 -24.53
N ARG A 71 -10.86 3.50 -25.32
CA ARG A 71 -12.07 4.14 -24.84
C ARG A 71 -13.29 3.57 -25.56
N GLN A 72 -13.60 2.30 -25.31
CA GLN A 72 -14.75 1.65 -25.95
C GLN A 72 -16.01 1.81 -25.09
N LYS A 73 -17.13 2.05 -25.76
CA LYS A 73 -18.42 2.27 -25.10
C LYS A 73 -18.35 3.39 -24.06
N LYS A 74 -17.89 4.57 -24.49
CA LYS A 74 -17.77 5.76 -23.63
C LYS A 74 -17.17 5.46 -22.25
N LYS A 75 -16.16 4.61 -22.22
CA LYS A 75 -15.48 4.29 -20.97
C LYS A 75 -14.00 4.07 -21.25
N ILE A 76 -13.18 4.34 -20.23
CA ILE A 76 -11.73 4.27 -20.37
C ILE A 76 -11.25 2.91 -19.89
N HIS A 77 -10.43 2.27 -20.71
CA HIS A 77 -9.94 0.92 -20.42
C HIS A 77 -8.43 0.99 -20.33
N LEU A 78 -7.90 0.42 -19.24
CA LEU A 78 -6.48 0.44 -18.97
C LEU A 78 -6.04 -1.00 -18.87
N VAL A 79 -5.27 -1.40 -19.87
CA VAL A 79 -4.85 -2.77 -19.94
C VAL A 79 -3.53 -2.85 -19.24
N PHE A 80 -3.45 -3.69 -18.20
CA PHE A 80 -2.20 -3.99 -17.52
C PHE A 80 -1.76 -5.42 -17.77
N GLU A 81 -0.48 -5.70 -17.59
CA GLU A 81 0.00 -7.09 -17.40
C GLU A 81 -0.78 -7.75 -16.22
N PHE A 82 -0.86 -9.08 -16.27
CA PHE A 82 -1.60 -9.83 -15.27
C PHE A 82 -0.62 -10.52 -14.35
N ILE A 83 -0.80 -10.30 -13.05
CA ILE A 83 0.03 -10.91 -12.04
C ILE A 83 -0.83 -11.84 -11.20
N ASP A 84 -0.25 -12.98 -10.90
CA ASP A 84 -1.00 -14.08 -10.32
C ASP A 84 -1.98 -13.73 -9.24
N HIS A 85 -1.56 -13.07 -8.17
CA HIS A 85 -2.51 -12.67 -7.10
C HIS A 85 -2.05 -11.44 -6.36
N THR A 86 -2.73 -11.12 -5.27
CA THR A 86 -2.34 -10.03 -4.43
C THR A 86 -1.99 -10.54 -3.03
N VAL A 87 -1.45 -9.66 -2.19
CA VAL A 87 -1.20 -9.95 -0.79
C VAL A 87 -2.52 -10.09 -0.03
N LEU A 88 -3.53 -9.30 -0.39
CA LEU A 88 -4.88 -9.50 0.13
C LEU A 88 -5.35 -10.95 -0.06
N ASP A 89 -5.10 -11.53 -1.25
CA ASP A 89 -5.42 -12.94 -1.49
C ASP A 89 -4.75 -13.85 -0.50
N GLU A 90 -3.51 -13.53 -0.15
CA GLU A 90 -2.75 -14.36 0.76
C GLU A 90 -3.37 -14.30 2.14
N LEU A 91 -3.79 -13.12 2.56
CA LEU A 91 -4.37 -12.93 3.89
C LEU A 91 -5.78 -13.48 3.94
N GLN A 92 -6.45 -13.56 2.78
CA GLN A 92 -7.79 -14.10 2.75
C GLN A 92 -7.77 -15.63 2.69
N HIS A 93 -6.67 -16.22 2.17
CA HIS A 93 -6.61 -17.67 2.01
C HIS A 93 -5.82 -18.46 3.05
N TYR A 94 -4.93 -17.81 3.78
CA TYR A 94 -4.08 -18.52 4.71
C TYR A 94 -4.17 -17.91 6.09
N CYS A 95 -4.14 -18.78 7.08
CA CYS A 95 -4.25 -18.40 8.48
C CYS A 95 -3.05 -17.71 9.04
N HIS A 96 -3.28 -16.79 9.97
CA HIS A 96 -2.18 -16.28 10.81
C HIS A 96 -1.03 -15.56 10.08
N GLY A 97 -1.26 -15.00 8.90
CA GLY A 97 -0.23 -14.15 8.28
C GLY A 97 0.86 -14.91 7.50
N LEU A 98 1.80 -14.16 6.98
CA LEU A 98 2.87 -14.70 6.11
C LEU A 98 4.01 -15.28 6.93
N GLU A 99 4.50 -16.42 6.45
CA GLU A 99 5.72 -17.03 6.98
C GLU A 99 6.86 -15.98 6.94
N SER A 100 7.73 -16.00 7.95
CA SER A 100 8.62 -14.87 8.19
C SER A 100 9.63 -14.63 7.08
N LYS A 101 10.30 -15.68 6.60
CA LYS A 101 11.24 -15.50 5.49
C LYS A 101 10.54 -14.87 4.27
N ARG A 102 9.29 -15.26 4.02
CA ARG A 102 8.57 -14.79 2.84
C ARG A 102 8.08 -13.33 3.03
N LEU A 103 7.73 -13.03 4.26
CA LEU A 103 7.33 -11.68 4.63
C LEU A 103 8.46 -10.68 4.34
N ARG A 104 9.67 -10.98 4.83
CA ARG A 104 10.87 -10.15 4.57
C ARG A 104 11.12 -9.86 3.09
N LYS A 105 11.04 -10.90 2.25
CA LYS A 105 11.23 -10.77 0.82
C LYS A 105 10.19 -9.86 0.18
N TYR A 106 8.91 -10.05 0.56
CA TYR A 106 7.82 -9.15 0.13
C TYR A 106 8.07 -7.72 0.55
N LEU A 107 8.34 -7.48 1.83
CA LEU A 107 8.56 -6.14 2.32
C LEU A 107 9.70 -5.40 1.64
N PHE A 108 10.82 -6.09 1.43
CA PHE A 108 11.95 -5.46 0.75
C PHE A 108 11.51 -4.99 -0.61
N GLN A 109 10.76 -5.80 -1.34
CA GLN A 109 10.41 -5.44 -2.72
C GLN A 109 9.35 -4.32 -2.69
N ILE A 110 8.48 -4.37 -1.70
CA ILE A 110 7.51 -3.30 -1.52
C ILE A 110 8.24 -1.97 -1.25
N LEU A 111 9.24 -2.04 -0.39
CA LEU A 111 10.05 -0.90 -0.07
C LEU A 111 10.85 -0.36 -1.21
N ARG A 112 11.41 -1.25 -2.00
CA ARG A 112 12.13 -0.80 -3.21
C ARG A 112 11.20 0.07 -4.04
N ALA A 113 9.95 -0.38 -4.19
CA ALA A 113 8.94 0.35 -4.95
C ALA A 113 8.63 1.68 -4.35
N ILE A 114 8.31 1.69 -3.04
CA ILE A 114 7.94 2.93 -2.36
C ILE A 114 9.09 3.97 -2.38
N ASP A 115 10.30 3.50 -2.14
CA ASP A 115 11.48 4.35 -2.19
C ASP A 115 11.69 4.93 -3.60
N TYR A 116 11.57 4.10 -4.62
CA TYR A 116 11.69 4.61 -5.97
C TYR A 116 10.75 5.81 -6.15
N LEU A 117 9.47 5.63 -5.80
CA LEU A 117 8.48 6.71 -5.87
C LEU A 117 8.82 7.92 -5.01
N HIS A 118 9.23 7.69 -3.77
CA HIS A 118 9.59 8.80 -2.88
C HIS A 118 10.84 9.56 -3.34
N SER A 119 11.77 8.86 -3.98
CA SER A 119 12.97 9.55 -4.58
C SER A 119 12.53 10.43 -5.72
N ASN A 120 11.44 10.07 -6.37
CA ASN A 120 10.89 10.89 -7.42
C ASN A 120 9.78 11.85 -6.95
N ASN A 121 9.73 12.07 -5.62
CA ASN A 121 8.71 12.89 -4.97
C ASN A 121 7.26 12.56 -5.33
N ILE A 122 6.98 11.27 -5.43
CA ILE A 122 5.63 10.83 -5.57
C ILE A 122 5.16 10.24 -4.27
N ILE A 123 3.99 10.71 -3.82
CA ILE A 123 3.22 10.04 -2.76
C ILE A 123 2.25 9.08 -3.41
N HIS A 124 2.32 7.80 -3.06
CA HIS A 124 1.43 6.79 -3.59
C HIS A 124 -0.04 6.98 -3.20
N ARG A 125 -0.31 7.16 -1.89
CA ARG A 125 -1.62 7.55 -1.35
C ARG A 125 -2.64 6.41 -1.22
N ASP A 126 -2.23 5.19 -1.53
CA ASP A 126 -3.14 4.08 -1.33
C ASP A 126 -2.43 2.76 -1.16
N ILE A 127 -1.43 2.75 -0.30
CA ILE A 127 -0.76 1.52 0.09
C ILE A 127 -1.76 0.67 0.94
N LYS A 128 -2.00 -0.56 0.50
CA LYS A 128 -2.81 -1.58 1.22
C LYS A 128 -2.61 -2.94 0.52
N PRO A 129 -2.99 -4.03 1.17
CA PRO A 129 -2.67 -5.35 0.63
C PRO A 129 -3.22 -5.66 -0.79
N GLU A 130 -4.39 -5.18 -1.15
CA GLU A 130 -4.92 -5.44 -2.47
C GLU A 130 -4.03 -4.83 -3.56
N ASN A 131 -3.31 -3.76 -3.23
CA ASN A 131 -2.54 -3.04 -4.25
C ASN A 131 -1.09 -3.50 -4.26
N ILE A 132 -0.81 -4.59 -3.56
CA ILE A 132 0.44 -5.34 -3.74
C ILE A 132 0.17 -6.65 -4.53
N LEU A 133 0.71 -6.71 -5.73
CA LEU A 133 0.53 -7.86 -6.59
C LEU A 133 1.67 -8.82 -6.36
N VAL A 134 1.39 -10.12 -6.43
CA VAL A 134 2.39 -11.12 -6.15
C VAL A 134 2.35 -12.17 -7.24
N SER A 135 3.48 -12.36 -7.88
CA SER A 135 3.56 -13.37 -8.95
C SER A 135 3.83 -14.74 -8.32
N GLN A 136 3.67 -15.78 -9.11
CA GLN A 136 3.87 -17.15 -8.65
C GLN A 136 5.29 -17.41 -8.14
N SER A 137 6.27 -16.69 -8.68
CA SER A 137 7.67 -16.77 -8.24
C SER A 137 7.93 -15.82 -7.07
N GLY A 138 6.96 -14.97 -6.73
CA GLY A 138 7.01 -14.17 -5.51
C GLY A 138 7.68 -12.81 -5.69
N ILE A 139 7.68 -12.33 -6.92
CA ILE A 139 8.09 -10.97 -7.21
C ILE A 139 6.89 -10.10 -6.98
N THR A 140 7.05 -9.06 -6.20
CA THR A 140 5.90 -8.22 -5.86
C THR A 140 5.95 -6.94 -6.59
N LYS A 141 4.77 -6.43 -6.94
CA LYS A 141 4.64 -5.18 -7.64
C LYS A 141 3.56 -4.28 -7.09
N LEU A 142 3.85 -3.00 -7.09
CA LEU A 142 2.93 -2.07 -6.56
C LEU A 142 2.04 -1.59 -7.70
N CYS A 143 0.77 -1.33 -7.39
CA CYS A 143 -0.16 -0.77 -8.37
C CYS A 143 -1.15 0.24 -7.79
N ASP A 144 -1.98 0.78 -8.67
CA ASP A 144 -3.09 1.68 -8.34
C ASP A 144 -2.53 3.07 -7.99
N PHE A 145 -2.47 3.91 -9.04
CA PHE A 145 -1.86 5.25 -9.00
C PHE A 145 -2.85 6.35 -9.27
N GLY A 146 -4.13 6.01 -9.22
CA GLY A 146 -5.16 7.02 -9.46
C GLY A 146 -5.11 8.21 -8.51
N PHE A 147 -4.66 7.96 -7.27
CA PHE A 147 -4.58 9.00 -6.21
C PHE A 147 -3.15 9.46 -5.90
N ALA A 148 -2.16 8.83 -6.51
CA ALA A 148 -0.80 9.33 -6.42
C ALA A 148 -0.69 10.83 -6.78
N ARG A 149 0.28 11.50 -6.19
CA ARG A 149 0.48 12.93 -6.45
C ARG A 149 1.93 13.37 -6.27
N THR A 150 2.22 14.58 -6.76
CA THR A 150 3.37 15.35 -6.29
C THR A 150 3.00 15.89 -4.92
N ASP A 156 -5.23 16.73 -2.45
CA ASP A 156 -6.06 15.64 -2.00
C ASP A 156 -7.24 15.42 -2.96
N ILE A 157 -7.28 14.26 -3.59
CA ILE A 157 -8.52 13.69 -4.15
C ILE A 157 -9.07 12.69 -3.10
N TYR A 158 -10.39 12.77 -2.80
CA TYR A 158 -11.03 11.92 -1.77
C TYR A 158 -11.04 10.45 -2.21
N ASP A 159 -10.56 9.54 -1.36
CA ASP A 159 -10.61 8.11 -1.68
C ASP A 159 -11.74 7.45 -0.89
N ASP A 160 -12.91 7.37 -1.52
CA ASP A 160 -14.03 6.55 -1.03
C ASP A 160 -13.72 5.06 -1.30
N GLU A 161 -13.01 4.41 -0.38
CA GLU A 161 -12.98 2.95 -0.33
C GLU A 161 -12.93 2.49 1.13
N VAL A 162 -13.66 1.42 1.42
CA VAL A 162 -13.83 0.98 2.82
C VAL A 162 -12.50 0.56 3.43
N ALA A 163 -11.77 -0.31 2.73
CA ALA A 163 -10.47 -0.81 3.21
C ALA A 163 -9.47 0.31 3.34
N THR A 164 -9.61 1.35 2.52
CA THR A 164 -8.63 2.46 2.50
C THR A 164 -8.53 3.17 3.83
N ARG A 165 -9.69 3.33 4.49
CA ARG A 165 -9.74 3.97 5.84
C ARG A 165 -8.80 3.30 6.83
N TRP A 166 -8.67 1.99 6.73
CA TRP A 166 -7.89 1.26 7.72
C TRP A 166 -6.41 1.61 7.71
N TYR A 167 -5.94 2.15 6.58
CA TYR A 167 -4.53 2.45 6.41
C TYR A 167 -4.20 3.95 6.42
N ARG A 168 -5.22 4.77 6.67
CA ARG A 168 -5.09 6.23 6.65
C ARG A 168 -4.39 6.79 7.85
N ALA A 169 -3.45 7.68 7.59
CA ALA A 169 -2.69 8.27 8.60
C ALA A 169 -3.53 9.35 9.34
N PRO A 170 -3.11 9.69 10.56
CA PRO A 170 -3.92 10.56 11.38
C PRO A 170 -4.13 11.95 10.76
N GLU A 171 -3.11 12.48 10.09
CA GLU A 171 -3.25 13.71 9.31
C GLU A 171 -4.24 13.69 8.14
N LEU A 172 -4.50 12.52 7.59
CA LEU A 172 -5.46 12.42 6.48
C LEU A 172 -6.85 12.43 7.08
N VAL A 173 -6.97 11.70 8.18
CA VAL A 173 -8.22 11.56 8.92
C VAL A 173 -8.71 12.93 9.42
N LEU A 174 -7.76 13.75 9.88
CA LEU A 174 -8.04 15.09 10.40
C LEU A 174 -8.06 16.14 9.31
N LYS A 175 -7.78 15.75 8.07
CA LYS A 175 -7.84 16.67 6.93
C LYS A 175 -6.87 17.84 7.02
N ASP A 176 -5.68 17.58 7.55
CA ASP A 176 -4.64 18.57 7.58
C ASP A 176 -4.36 19.08 6.20
N THR A 177 -4.16 20.39 6.08
CA THR A 177 -4.02 20.99 4.78
C THR A 177 -2.79 20.47 4.03
N SER A 178 -1.70 20.19 4.73
CA SER A 178 -0.57 19.55 4.06
C SER A 178 -0.30 18.18 4.63
N TYR A 179 0.20 17.31 3.79
CA TYR A 179 0.66 15.99 4.20
C TYR A 179 1.55 15.59 3.06
N GLY A 180 2.28 14.49 3.21
CA GLY A 180 3.20 14.11 2.18
C GLY A 180 3.55 12.64 2.22
N LYS A 181 4.81 12.35 1.93
CA LYS A 181 5.36 11.03 1.92
C LYS A 181 5.08 10.23 3.16
N PRO A 182 5.12 10.87 4.37
CA PRO A 182 4.82 10.07 5.56
C PRO A 182 3.48 9.31 5.57
N VAL A 183 2.48 9.70 4.81
CA VAL A 183 1.23 8.88 4.82
C VAL A 183 1.42 7.46 4.20
N ASP A 184 2.39 7.32 3.30
CA ASP A 184 2.68 6.01 2.73
C ASP A 184 3.37 5.14 3.80
N ILE A 185 4.20 5.75 4.65
CA ILE A 185 4.90 5.06 5.73
C ILE A 185 3.96 4.58 6.83
N TRP A 186 3.03 5.44 7.26
CA TRP A 186 1.95 5.00 8.13
C TRP A 186 1.16 3.83 7.56
N ALA A 187 0.73 3.92 6.31
CA ALA A 187 -0.03 2.84 5.75
C ALA A 187 0.80 1.50 5.68
N LEU A 188 2.06 1.64 5.36
CA LEU A 188 2.94 0.49 5.33
C LEU A 188 3.08 -0.16 6.70
N GLY A 189 3.20 0.66 7.73
CA GLY A 189 3.36 0.11 9.06
C GLY A 189 2.15 -0.69 9.44
N CYS A 190 0.97 -0.13 9.16
CA CYS A 190 -0.29 -0.87 9.35
C CYS A 190 -0.33 -2.21 8.58
N MET A 191 0.07 -2.19 7.32
CA MET A 191 0.04 -3.39 6.44
C MET A 191 1.03 -4.47 6.90
N ILE A 192 2.17 -4.04 7.42
CA ILE A 192 3.17 -4.95 7.95
C ILE A 192 2.61 -5.75 9.08
N ILE A 193 1.92 -5.08 10.00
CA ILE A 193 1.28 -5.76 11.13
C ILE A 193 0.30 -6.78 10.63
N GLU A 194 -0.56 -6.35 9.72
CA GLU A 194 -1.51 -7.29 9.10
C GLU A 194 -0.85 -8.51 8.38
N MET A 195 0.22 -8.25 7.65
CA MET A 195 0.95 -9.35 6.92
C MET A 195 1.65 -10.26 7.91
N ALA A 196 2.12 -9.69 9.02
CA ALA A 196 2.75 -10.47 10.06
C ALA A 196 1.81 -11.34 10.89
N THR A 197 0.65 -10.79 11.29
CA THR A 197 -0.33 -11.52 12.12
C THR A 197 -1.51 -12.12 11.37
N GLY A 198 -1.83 -11.56 10.19
CA GLY A 198 -3.05 -11.98 9.50
C GLY A 198 -4.23 -11.06 9.82
N ASN A 199 -4.08 -10.12 10.76
CA ASN A 199 -5.20 -9.33 11.26
C ASN A 199 -4.95 -7.87 10.96
N PRO A 200 -5.94 -7.18 10.38
CA PRO A 200 -5.77 -5.77 10.20
C PRO A 200 -5.60 -5.10 11.57
N TYR A 201 -4.79 -4.08 11.61
CA TYR A 201 -4.43 -3.41 12.86
C TYR A 201 -5.45 -2.40 13.29
N LEU A 202 -5.88 -1.53 12.37
CA LEU A 202 -6.85 -0.50 12.74
C LEU A 202 -8.15 -0.60 11.96
N PRO A 203 -8.79 -1.78 12.02
CA PRO A 203 -10.04 -1.87 11.30
C PRO A 203 -11.03 -0.92 11.94
N SER A 204 -11.78 -0.19 11.12
CA SER A 204 -12.71 0.85 11.58
C SER A 204 -13.83 1.08 10.61
N SER A 205 -14.96 1.49 11.12
CA SER A 205 -16.14 1.69 10.32
C SER A 205 -16.50 3.16 10.07
N SER A 206 -15.66 4.08 10.53
CA SER A 206 -15.87 5.53 10.34
C SER A 206 -14.61 6.28 10.80
N ASP A 207 -14.53 7.58 10.53
CA ASP A 207 -13.31 8.32 10.85
C ASP A 207 -13.22 8.56 12.35
N LEU A 208 -14.34 8.87 12.94
CA LEU A 208 -14.41 8.95 14.41
C LEU A 208 -13.93 7.65 15.09
N ASP A 209 -14.39 6.52 14.56
CA ASP A 209 -13.94 5.22 15.05
C ASP A 209 -12.46 5.08 14.89
N LEU A 210 -11.99 5.41 13.70
CA LEU A 210 -10.57 5.33 13.35
C LEU A 210 -9.72 6.17 14.32
N LEU A 211 -10.12 7.42 14.55
CA LEU A 211 -9.41 8.33 15.44
C LEU A 211 -9.30 7.77 16.84
N HIS A 212 -10.37 7.19 17.35
CA HIS A 212 -10.29 6.56 18.66
C HIS A 212 -9.27 5.42 18.65
N LYS A 213 -9.31 4.58 17.61
CA LYS A 213 -8.43 3.40 17.58
C LYS A 213 -6.94 3.84 17.48
N ILE A 214 -6.67 4.88 16.69
CA ILE A 214 -5.32 5.44 16.52
C ILE A 214 -4.80 5.85 17.88
N VAL A 215 -5.59 6.63 18.60
CA VAL A 215 -5.21 7.10 19.90
C VAL A 215 -5.09 5.96 20.93
N LEU A 216 -5.99 4.99 20.88
CA LEU A 216 -5.95 3.85 21.78
C LEU A 216 -4.75 2.92 21.57
N LYS A 217 -4.43 2.65 20.33
CA LYS A 217 -3.48 1.63 20.03
C LYS A 217 -2.05 2.20 19.70
N VAL A 218 -1.97 3.44 19.19
CA VAL A 218 -0.72 3.98 18.66
C VAL A 218 -0.19 5.08 19.57
N GLY A 219 -0.98 6.15 19.78
CA GLY A 219 -0.51 7.29 20.51
C GLY A 219 -1.50 8.45 20.49
N ASN A 220 -1.36 9.36 21.44
CA ASN A 220 -2.13 10.61 21.40
C ASN A 220 -1.79 11.48 20.23
N LEU A 221 -2.70 12.39 19.88
CA LEU A 221 -2.47 13.34 18.80
C LEU A 221 -1.25 14.20 19.17
N SER A 222 -0.42 14.49 18.16
CA SER A 222 0.64 15.49 18.35
C SER A 222 -0.04 16.85 18.48
N PRO A 223 0.69 17.87 18.96
CA PRO A 223 0.01 19.12 19.31
C PRO A 223 -0.71 19.77 18.14
N HIS A 224 -0.09 19.80 16.98
CA HIS A 224 -0.73 20.39 15.82
C HIS A 224 -2.01 19.64 15.45
N LEU A 225 -1.94 18.33 15.36
CA LEU A 225 -3.12 17.48 15.08
C LEU A 225 -4.20 17.57 16.17
N GLN A 226 -3.79 17.72 17.43
CA GLN A 226 -4.72 17.96 18.53
C GLN A 226 -5.43 19.30 18.34
N ASN A 227 -4.70 20.29 17.86
CA ASN A 227 -5.26 21.58 17.55
C ASN A 227 -6.30 21.51 16.48
N ILE A 228 -6.02 20.81 15.39
CA ILE A 228 -6.98 20.67 14.32
C ILE A 228 -8.19 19.88 14.80
N PHE A 229 -7.97 18.90 15.68
CA PHE A 229 -9.07 18.04 16.14
C PHE A 229 -10.00 18.92 16.96
N SER A 230 -9.44 19.61 17.94
CA SER A 230 -10.24 20.43 18.85
C SER A 230 -10.89 21.68 18.22
N LYS A 231 -10.52 22.03 16.99
CA LYS A 231 -11.13 23.16 16.26
C LYS A 231 -12.09 22.65 15.18
N SER A 232 -12.04 21.35 14.89
CA SER A 232 -12.86 20.79 13.83
C SER A 232 -14.35 20.64 14.21
N PRO A 233 -15.24 21.08 13.30
CA PRO A 233 -16.65 21.03 13.66
C PRO A 233 -17.21 19.60 13.58
N ILE A 234 -16.65 18.79 12.68
CA ILE A 234 -17.02 17.38 12.58
C ILE A 234 -16.91 16.66 13.93
N PHE A 235 -15.98 17.11 14.78
CA PHE A 235 -15.57 16.37 15.97
C PHE A 235 -15.82 17.08 17.25
N ALA A 236 -16.72 18.06 17.23
CA ALA A 236 -17.01 18.88 18.41
C ALA A 236 -17.72 18.12 19.52
N GLY A 237 -17.41 18.47 20.77
CA GLY A 237 -17.89 17.78 21.97
C GLY A 237 -17.03 16.58 22.34
N VAL A 238 -16.52 15.90 21.30
CA VAL A 238 -15.78 14.62 21.35
C VAL A 238 -14.47 14.72 22.11
N VAL A 239 -14.27 13.82 23.06
CA VAL A 239 -13.02 13.77 23.83
C VAL A 239 -12.42 12.44 23.50
N LEU A 240 -11.14 12.47 23.17
CA LEU A 240 -10.49 11.27 22.71
C LEU A 240 -10.07 10.44 23.91
N PRO A 241 -9.71 9.16 23.67
CA PRO A 241 -9.18 8.33 24.74
C PRO A 241 -7.85 8.93 25.20
N GLN A 242 -7.55 8.85 26.50
CA GLN A 242 -6.27 9.35 27.00
C GLN A 242 -5.57 8.12 27.55
N VAL A 243 -4.45 7.77 26.91
CA VAL A 243 -3.87 6.43 27.08
C VAL A 243 -2.35 6.51 27.11
N GLN A 244 -1.75 5.69 27.97
CA GLN A 244 -0.31 5.54 28.03
C GLN A 244 0.04 4.35 27.15
N HIS A 245 1.17 4.47 26.45
CA HIS A 245 1.69 3.43 25.61
C HIS A 245 3.13 3.19 25.97
N PRO A 246 3.58 1.93 25.90
CA PRO A 246 5.00 1.67 26.07
C PRO A 246 5.82 2.44 25.05
N LYS A 247 6.99 2.92 25.47
CA LYS A 247 7.93 3.63 24.58
C LYS A 247 8.82 2.64 23.79
N ASN A 248 8.97 1.42 24.31
CA ASN A 248 9.80 0.39 23.68
C ASN A 248 8.99 -0.42 22.68
N ALA A 249 9.60 -0.58 21.52
CA ALA A 249 9.03 -1.23 20.35
C ALA A 249 8.71 -2.71 20.59
N ARG A 250 9.64 -3.44 21.18
CA ARG A 250 9.48 -4.86 21.46
C ARG A 250 8.26 -5.08 22.37
N LYS A 251 8.13 -4.24 23.40
CA LYS A 251 6.98 -4.24 24.31
C LYS A 251 5.69 -3.88 23.60
N LYS A 252 5.73 -2.86 22.75
CA LYS A 252 4.51 -2.32 22.24
C LYS A 252 3.87 -3.23 21.18
N TYR A 253 4.69 -4.00 20.49
CA TYR A 253 4.23 -4.97 19.49
C TYR A 253 4.90 -6.27 19.87
N PRO A 254 4.41 -6.91 20.94
CA PRO A 254 5.16 -8.03 21.47
C PRO A 254 4.90 -9.35 20.77
N LYS A 255 3.98 -9.40 19.81
CA LYS A 255 3.72 -10.66 19.09
C LYS A 255 4.50 -10.68 17.82
N LEU A 256 5.24 -9.61 17.53
CA LEU A 256 6.09 -9.58 16.35
C LEU A 256 7.56 -9.92 16.66
N ASN A 257 8.24 -10.43 15.65
CA ASN A 257 9.70 -10.51 15.62
C ASN A 257 10.31 -9.13 16.01
N GLY A 258 11.31 -9.16 16.86
CA GLY A 258 11.86 -7.97 17.47
C GLY A 258 12.25 -6.86 16.50
N LEU A 259 12.92 -7.20 15.41
CA LEU A 259 13.35 -6.16 14.49
C LEU A 259 12.16 -5.74 13.67
N LEU A 260 11.19 -6.63 13.53
CA LEU A 260 9.99 -6.28 12.79
C LEU A 260 9.17 -5.29 13.63
N ALA A 261 9.07 -5.55 14.94
CA ALA A 261 8.52 -4.59 15.90
C ALA A 261 9.20 -3.24 15.78
N ASP A 262 10.53 -3.26 15.68
CA ASP A 262 11.28 -2.03 15.59
C ASP A 262 10.88 -1.22 14.34
N ILE A 263 10.71 -1.88 13.21
CA ILE A 263 10.26 -1.17 12.01
C ILE A 263 8.83 -0.60 12.13
N VAL A 264 7.96 -1.40 12.67
CA VAL A 264 6.60 -1.00 12.79
C VAL A 264 6.51 0.20 13.70
N HIS A 265 7.21 0.16 14.81
CA HIS A 265 7.24 1.30 15.67
C HIS A 265 7.69 2.55 14.92
N ALA A 266 8.69 2.40 14.05
CA ALA A 266 9.29 3.56 13.37
C ALA A 266 8.36 4.14 12.31
N CYS A 267 7.50 3.28 11.77
CA CYS A 267 6.46 3.69 10.83
C CYS A 267 5.30 4.43 11.52
N LEU A 268 4.81 3.83 12.60
CA LEU A 268 3.62 4.27 13.32
C LEU A 268 3.98 5.26 14.44
N GLN A 269 4.26 6.46 13.98
CA GLN A 269 4.44 7.61 14.81
C GLN A 269 3.35 8.55 14.41
N ILE A 270 2.68 9.13 15.39
CA ILE A 270 1.54 10.01 15.12
C ILE A 270 1.97 11.24 14.32
N ASP A 271 3.00 11.95 14.80
CA ASP A 271 3.58 13.10 14.10
C ASP A 271 4.28 12.59 12.84
N PRO A 272 3.74 12.93 11.64
CA PRO A 272 4.35 12.44 10.38
C PRO A 272 5.81 12.75 10.30
N ALA A 273 6.23 13.87 10.87
CA ALA A 273 7.63 14.25 10.79
C ALA A 273 8.50 13.35 11.65
N ASP A 274 7.92 12.54 12.55
CA ASP A 274 8.70 11.54 13.34
C ASP A 274 8.85 10.18 12.66
N ARG A 275 8.14 9.95 11.57
CA ARG A 275 8.17 8.67 10.92
C ARG A 275 9.46 8.52 10.14
N ILE A 276 9.94 7.29 10.11
CA ILE A 276 11.10 6.90 9.30
C ILE A 276 10.84 7.13 7.80
N SER A 277 11.84 7.52 7.03
CA SER A 277 11.77 7.54 5.54
C SER A 277 11.88 6.16 4.93
N SER A 278 11.49 6.06 3.68
CA SER A 278 11.56 4.81 2.96
C SER A 278 13.03 4.39 2.76
N SER A 279 13.90 5.39 2.57
CA SER A 279 15.34 5.18 2.36
C SER A 279 15.92 4.48 3.55
N ASP A 280 15.61 4.98 4.73
CA ASP A 280 16.18 4.41 5.92
C ASP A 280 15.60 3.08 6.24
N LEU A 281 14.34 2.85 5.87
CA LEU A 281 13.72 1.54 6.08
C LEU A 281 14.43 0.45 5.30
N LEU A 282 14.77 0.74 4.03
CA LEU A 282 15.50 -0.21 3.19
C LEU A 282 16.85 -0.62 3.78
N HIS A 283 17.40 0.23 4.62
CA HIS A 283 18.69 -0.02 5.23
C HIS A 283 18.60 -0.46 6.68
N HIS A 284 17.40 -0.88 7.10
CA HIS A 284 17.20 -1.22 8.49
C HIS A 284 17.88 -2.57 8.80
N GLU A 285 18.38 -2.72 10.04
CA GLU A 285 18.84 -4.01 10.54
C GLU A 285 17.94 -5.25 10.19
N TYR A 286 16.62 -5.08 10.18
CA TYR A 286 15.67 -6.09 9.68
C TYR A 286 16.14 -6.73 8.36
N PHE A 287 16.70 -5.94 7.44
CA PHE A 287 17.15 -6.45 6.13
C PHE A 287 18.66 -6.79 6.01
N THR A 288 19.48 -6.27 6.95
CA THR A 288 20.95 -6.40 6.87
C THR A 288 21.56 -7.38 7.88
N ARG A 289 20.88 -7.62 8.98
CA ARG A 289 21.28 -8.57 10.03
C ARG A 289 22.14 -9.74 9.52
N ASP A 290 21.60 -10.54 8.61
CA ASP A 290 22.27 -11.79 8.20
C ASP A 290 22.72 -11.74 6.73
N GLY A 291 22.93 -10.54 6.21
CA GLY A 291 23.39 -10.37 4.83
C GLY A 291 22.32 -10.60 3.80
N PHE A 292 21.07 -10.40 4.20
CA PHE A 292 19.91 -10.75 3.38
C PHE A 292 19.86 -10.02 2.01
N ILE A 293 20.05 -8.69 2.06
CA ILE A 293 20.11 -7.82 0.84
C ILE A 293 21.14 -8.32 -0.15
N GLU A 294 22.31 -8.69 0.37
CA GLU A 294 23.40 -9.19 -0.46
C GLU A 294 23.08 -10.55 -1.09
N LYS A 295 22.40 -11.40 -0.32
CA LYS A 295 21.93 -12.68 -0.82
C LYS A 295 20.65 -12.48 -1.66
N PHE A 296 19.74 -11.60 -1.24
CA PHE A 296 18.46 -11.48 -1.94
C PHE A 296 18.56 -10.87 -3.35
N MET A 297 19.43 -9.87 -3.54
CA MET A 297 19.41 -9.06 -4.78
C MET A 297 19.87 -9.81 -6.00
N PRO A 298 20.93 -10.63 -5.83
CA PRO A 298 21.25 -11.55 -6.92
C PRO A 298 20.11 -12.55 -7.25
N GLU A 299 19.51 -13.16 -6.22
CA GLU A 299 18.39 -14.10 -6.40
C GLU A 299 17.24 -13.36 -7.13
N LEU A 300 16.96 -12.12 -6.73
CA LEU A 300 15.98 -11.30 -7.44
C LEU A 300 16.36 -11.06 -8.90
N LYS A 301 17.58 -10.54 -9.14
CA LYS A 301 18.02 -10.22 -10.50
C LYS A 301 17.98 -11.45 -11.40
N ALA A 302 18.37 -12.61 -10.86
CA ALA A 302 18.37 -13.89 -11.62
C ALA A 302 16.95 -14.42 -11.90
N LYS A 303 15.99 -14.22 -10.99
CA LYS A 303 14.59 -14.58 -11.29
C LYS A 303 14.11 -13.79 -12.49
N LEU A 304 14.20 -12.47 -12.40
CA LEU A 304 13.79 -11.58 -13.49
C LEU A 304 14.52 -11.87 -14.82
N LEU A 305 15.78 -12.30 -14.73
CA LEU A 305 16.50 -12.85 -15.89
C LEU A 305 15.80 -14.12 -16.39
N GLN A 306 15.88 -15.19 -15.57
CA GLN A 306 15.34 -16.54 -15.91
C GLN A 306 13.88 -16.54 -16.36
N GLU A 307 13.09 -15.58 -15.83
CA GLU A 307 11.68 -15.40 -16.21
C GLU A 307 11.52 -14.59 -17.49
N ALA A 308 12.40 -13.61 -17.69
CA ALA A 308 12.33 -12.74 -18.87
C ALA A 308 12.56 -13.53 -20.16
N LYS A 309 13.44 -14.54 -20.11
CA LYS A 309 13.73 -15.41 -21.27
C LYS A 309 12.51 -16.23 -21.70
N VAL A 310 11.79 -16.79 -20.71
CA VAL A 310 10.63 -17.67 -20.97
C VAL A 310 9.34 -16.86 -21.06
#